data_5SD2
#
_entry.id   5SD2
#
_cell.length_a   29.350
_cell.length_b   67.340
_cell.length_c   72.370
_cell.angle_alpha   90.000
_cell.angle_beta   90.000
_cell.angle_gamma   90.000
#
_symmetry.space_group_name_H-M   'P 21 21 21'
#
loop_
_entity.id
_entity.type
_entity.pdbx_description
1 polymer 'Dihydrofolate reductase'
2 non-polymer 'NADP NICOTINAMIDE-ADENINE-DINUCLEOTIDE PHOSPHATE'
3 non-polymer '(2R)-2-[(2-{3-[(2,4-diamino-6-ethylpyrimidin-5-yl)oxy]propoxy}phenyl)methyl]-3,3-difluoropropanoic acid'
4 non-polymer 1,2-ETHANEDIOL
5 water water
#
_entity_poly.entity_id   1
_entity_poly.type   'polypeptide(L)'
_entity_poly.pdbx_seq_one_letter_code
;MGSSHHHHHHSSGLVPRGSHMVGLIWAQATSGVIGRGGDIPWRLPEDQAHFREITMGHTIVMGRRTWDSLPAKVRPLPGR
RNVVLSRQADFMASGAEVVGSLEEALTSPETWVIGGGQVYALALPYATRCEVTEVDIGLPREAGDALAPVLDETWRGETG
EWRFSRSGLRYRLYSYHRS
;
_entity_poly.pdbx_strand_id   A
#
# COMPACT_ATOMS: atom_id res chain seq x y z
N HIS A 9 -8.54 21.98 7.98
CA HIS A 9 -7.22 22.53 8.27
C HIS A 9 -6.13 21.91 7.40
N HIS A 10 -5.08 22.68 7.18
CA HIS A 10 -4.07 22.33 6.18
C HIS A 10 -3.03 21.36 6.74
N SER A 11 -2.51 20.52 5.86
CA SER A 11 -1.32 19.72 6.13
C SER A 11 -0.20 20.19 5.20
N SER A 12 1.04 19.85 5.57
CA SER A 12 2.20 20.22 4.79
C SER A 12 2.82 18.99 4.13
N GLY A 13 3.39 19.19 2.94
CA GLY A 13 4.14 18.12 2.31
C GLY A 13 5.50 17.85 2.92
N LEU A 14 5.99 18.74 3.78
CA LEU A 14 7.28 18.52 4.43
C LEU A 14 7.11 17.59 5.62
N VAL A 15 8.06 16.67 5.78
CA VAL A 15 8.02 15.72 6.89
C VAL A 15 9.12 16.05 7.90
N PRO A 16 8.80 16.68 9.04
CA PRO A 16 9.81 16.89 10.08
C PRO A 16 10.33 15.55 10.57
N ARG A 17 11.62 15.52 10.93
CA ARG A 17 12.23 14.23 11.22
C ARG A 17 11.79 13.67 12.56
N GLY A 18 11.16 14.47 13.41
CA GLY A 18 10.68 13.94 14.65
C GLY A 18 9.27 13.41 14.62
N SER A 19 8.61 13.48 13.47
CA SER A 19 7.23 13.03 13.37
C SER A 19 7.17 11.59 12.86
N HIS A 20 5.95 11.04 12.77
CA HIS A 20 5.72 9.69 12.26
C HIS A 20 4.60 9.76 11.23
N MET A 21 4.96 10.17 10.01
CA MET A 21 4.01 10.20 8.91
C MET A 21 3.74 8.78 8.43
N VAL A 22 2.46 8.43 8.30
CA VAL A 22 2.04 7.12 7.83
C VAL A 22 1.18 7.31 6.60
N GLY A 23 1.61 6.75 5.47
CA GLY A 23 0.77 6.71 4.29
C GLY A 23 0.46 5.29 3.86
N LEU A 24 -0.63 5.11 3.13
CA LEU A 24 -0.99 3.84 2.49
C LEU A 24 -0.96 4.05 0.98
N ILE A 25 -0.52 3.01 0.26
CA ILE A 25 -0.45 3.04 -1.19
C ILE A 25 -0.91 1.69 -1.72
N TRP A 26 -1.88 1.70 -2.61
CA TRP A 26 -2.44 0.45 -3.12
C TRP A 26 -2.96 0.68 -4.52
N ALA A 27 -3.13 -0.42 -5.26
CA ALA A 27 -3.81 -0.43 -6.54
C ALA A 27 -5.06 -1.27 -6.39
N GLN A 28 -6.17 -0.80 -6.95
CA GLN A 28 -7.42 -1.54 -6.85
C GLN A 28 -8.13 -1.55 -8.20
N ALA A 29 -8.94 -2.59 -8.42
CA ALA A 29 -9.94 -2.52 -9.46
C ALA A 29 -11.08 -1.61 -9.01
N THR A 30 -11.94 -1.25 -9.97
CA THR A 30 -13.07 -0.40 -9.63
C THR A 30 -13.97 -1.05 -8.59
N SER A 31 -13.95 -2.38 -8.45
CA SER A 31 -14.78 -3.03 -7.45
C SER A 31 -14.20 -2.94 -6.05
N GLY A 32 -12.96 -2.48 -5.89
CA GLY A 32 -12.28 -2.52 -4.63
C GLY A 32 -11.36 -3.72 -4.41
N VAL A 33 -11.37 -4.69 -5.33
CA VAL A 33 -10.48 -5.83 -5.19
C VAL A 33 -9.02 -5.39 -5.35
N ILE A 34 -8.16 -5.85 -4.43
CA ILE A 34 -6.72 -5.61 -4.52
C ILE A 34 -5.91 -6.90 -4.64
N GLY A 35 -6.46 -8.05 -4.27
CA GLY A 35 -5.72 -9.29 -4.29
C GLY A 35 -6.67 -10.45 -4.36
N ARG A 36 -6.20 -11.54 -4.96
CA ARG A 36 -6.98 -12.77 -5.01
C ARG A 36 -6.01 -13.92 -5.17
N GLY A 37 -6.19 -14.96 -4.36
CA GLY A 37 -5.32 -16.12 -4.47
C GLY A 37 -3.86 -15.81 -4.21
N GLY A 38 -3.55 -14.82 -3.38
CA GLY A 38 -2.18 -14.50 -3.05
C GLY A 38 -1.41 -13.76 -4.12
N ASP A 39 -2.11 -13.10 -5.04
CA ASP A 39 -1.45 -12.37 -6.11
C ASP A 39 -2.26 -11.11 -6.35
N ILE A 40 -1.71 -10.23 -7.18
CA ILE A 40 -2.44 -9.07 -7.70
C ILE A 40 -2.87 -9.42 -9.12
N PRO A 41 -4.16 -9.37 -9.44
CA PRO A 41 -4.60 -9.87 -10.76
C PRO A 41 -4.39 -8.89 -11.91
N TRP A 42 -3.35 -8.08 -11.85
CA TRP A 42 -2.96 -7.24 -12.98
C TRP A 42 -1.50 -6.86 -12.78
N ARG A 43 -0.91 -6.36 -13.87
CA ARG A 43 0.37 -5.68 -13.82
C ARG A 43 0.26 -4.49 -14.75
N LEU A 44 0.52 -3.30 -14.22
CA LEU A 44 0.53 -2.07 -15.01
C LEU A 44 1.88 -1.40 -14.83
N PRO A 45 2.71 -1.29 -15.87
CA PRO A 45 4.01 -0.62 -15.72
C PRO A 45 3.91 0.76 -15.08
N GLU A 46 2.87 1.53 -15.43
CA GLU A 46 2.73 2.87 -14.88
C GLU A 46 2.47 2.81 -13.38
N ASP A 47 1.68 1.83 -12.95
CA ASP A 47 1.48 1.63 -11.52
C ASP A 47 2.75 1.18 -10.83
N GLN A 48 3.49 0.25 -11.46
CA GLN A 48 4.75 -0.20 -10.86
C GLN A 48 5.72 0.96 -10.71
N ALA A 49 5.82 1.82 -11.73
CA ALA A 49 6.71 2.96 -11.65
C ALA A 49 6.28 3.92 -10.56
N HIS A 50 4.98 4.21 -10.52
CA HIS A 50 4.40 5.12 -9.54
C HIS A 50 4.65 4.61 -8.11
N PHE A 51 4.44 3.32 -7.88
CA PHE A 51 4.68 2.75 -6.56
C PHE A 51 6.12 2.98 -6.11
N ARG A 52 7.10 2.73 -7.00
CA ARG A 52 8.50 2.95 -6.67
C ARG A 52 8.83 4.44 -6.49
N GLU A 53 8.22 5.31 -7.29
CA GLU A 53 8.47 6.75 -7.11
C GLU A 53 8.03 7.21 -5.72
N ILE A 54 6.87 6.75 -5.26
CA ILE A 54 6.36 7.20 -3.96
C ILE A 54 7.18 6.60 -2.81
N THR A 55 7.50 5.31 -2.90
CA THR A 55 8.06 4.62 -1.74
C THR A 55 9.58 4.68 -1.64
N MET A 56 10.30 4.97 -2.74
CA MET A 56 11.76 4.80 -2.72
C MET A 56 12.40 5.67 -1.65
N GLY A 57 13.35 5.09 -0.93
CA GLY A 57 14.05 5.80 0.11
C GLY A 57 13.35 5.83 1.46
N HIS A 58 12.14 5.30 1.56
CA HIS A 58 11.40 5.31 2.81
C HIS A 58 11.30 3.89 3.37
N THR A 59 10.72 3.78 4.56
CA THR A 59 10.36 2.47 5.12
C THR A 59 9.05 1.99 4.51
N ILE A 60 9.00 0.72 4.12
CA ILE A 60 7.76 0.11 3.68
C ILE A 60 7.37 -0.97 4.67
N VAL A 61 6.09 -1.01 5.01
CA VAL A 61 5.53 -1.95 5.98
C VAL A 61 4.53 -2.81 5.23
N MET A 62 4.62 -4.13 5.39
CA MET A 62 3.71 -5.02 4.70
C MET A 62 3.25 -6.13 5.63
N GLY A 63 2.07 -6.68 5.36
CA GLY A 63 1.64 -7.89 6.04
C GLY A 63 2.44 -9.11 5.58
N ARG A 64 2.46 -10.13 6.45
CA ARG A 64 3.19 -11.36 6.15
C ARG A 64 2.73 -11.99 4.84
N ARG A 65 1.43 -11.94 4.55
CA ARG A 65 0.95 -12.52 3.30
C ARG A 65 1.42 -11.72 2.08
N THR A 66 1.58 -10.39 2.22
CA THR A 66 2.14 -9.61 1.12
C THR A 66 3.63 -9.91 0.91
N TRP A 67 4.38 -10.12 2.00
CA TRP A 67 5.75 -10.61 1.85
C TRP A 67 5.75 -11.94 1.10
N ASP A 68 4.84 -12.86 1.47
CA ASP A 68 4.79 -14.15 0.77
C ASP A 68 4.51 -13.98 -0.71
N SER A 69 3.74 -12.97 -1.09
CA SER A 69 3.35 -12.82 -2.49
C SER A 69 4.47 -12.25 -3.36
N LEU A 70 5.52 -11.72 -2.74
CA LEU A 70 6.71 -11.24 -3.46
C LEU A 70 7.57 -12.43 -3.88
N PRO A 71 7.94 -12.53 -5.15
CA PRO A 71 8.88 -13.57 -5.56
C PRO A 71 10.14 -13.51 -4.70
N ALA A 72 10.66 -14.69 -4.35
CA ALA A 72 11.78 -14.77 -3.43
C ALA A 72 12.98 -14.04 -4.00
N LYS A 73 13.17 -14.12 -5.32
CA LYS A 73 14.31 -13.47 -5.96
C LYS A 73 14.33 -11.96 -5.73
N VAL A 74 13.15 -11.33 -5.64
CA VAL A 74 13.11 -9.88 -5.57
C VAL A 74 12.98 -9.33 -4.14
N ARG A 75 12.62 -10.16 -3.14
CA ARG A 75 12.47 -9.55 -1.83
C ARG A 75 13.76 -9.70 -1.02
N PRO A 76 14.09 -8.75 -0.12
CA PRO A 76 13.36 -7.53 0.20
C PRO A 76 13.40 -6.51 -0.94
N LEU A 77 12.36 -5.70 -1.04
CA LEU A 77 12.33 -4.69 -2.10
C LEU A 77 13.48 -3.71 -1.86
N PRO A 78 14.30 -3.42 -2.88
CA PRO A 78 15.51 -2.65 -2.66
C PRO A 78 15.25 -1.15 -2.49
N GLY A 79 16.22 -0.48 -1.86
CA GLY A 79 16.16 0.96 -1.72
C GLY A 79 15.19 1.44 -0.66
N ARG A 80 14.66 0.53 0.16
CA ARG A 80 13.66 0.80 1.17
C ARG A 80 13.89 -0.17 2.33
N ARG A 81 13.71 0.32 3.57
CA ARG A 81 13.69 -0.56 4.73
C ARG A 81 12.40 -1.38 4.72
N ASN A 82 12.54 -2.71 4.61
CA ASN A 82 11.41 -3.63 4.51
C ASN A 82 11.06 -4.10 5.91
N VAL A 83 9.83 -3.85 6.34
CA VAL A 83 9.31 -4.32 7.61
C VAL A 83 8.08 -5.19 7.35
N VAL A 84 8.02 -6.36 7.99
CA VAL A 84 6.94 -7.32 7.78
C VAL A 84 6.21 -7.54 9.10
N LEU A 85 4.87 -7.50 9.06
CA LEU A 85 4.05 -7.76 10.23
CA LEU A 85 4.04 -7.76 10.23
C LEU A 85 3.63 -9.22 10.28
N SER A 86 3.87 -9.87 11.43
CA SER A 86 3.41 -11.23 11.66
C SER A 86 3.15 -11.42 13.15
N ARG A 87 2.14 -12.23 13.46
CA ARG A 87 1.89 -12.68 14.83
C ARG A 87 2.55 -14.02 15.12
N GLN A 88 3.14 -14.66 14.11
CA GLN A 88 3.79 -15.94 14.29
C GLN A 88 5.21 -15.75 14.79
N ALA A 89 5.51 -16.29 15.96
CA ALA A 89 6.82 -16.09 16.55
C ALA A 89 7.94 -16.70 15.71
N ASP A 90 7.62 -17.66 14.84
CA ASP A 90 8.63 -18.35 14.07
C ASP A 90 8.58 -18.00 12.58
N PHE A 91 7.83 -16.97 12.20
CA PHE A 91 7.95 -16.47 10.85
C PHE A 91 9.19 -15.59 10.75
N MET A 92 9.97 -15.80 9.68
CA MET A 92 11.19 -15.06 9.44
C MET A 92 11.22 -14.60 7.98
N ALA A 93 11.77 -13.41 7.76
CA ALA A 93 11.85 -12.79 6.43
C ALA A 93 13.29 -12.39 6.18
N SER A 94 14.01 -13.19 5.38
CA SER A 94 15.42 -12.92 5.12
C SER A 94 15.63 -11.55 4.49
N GLY A 95 16.56 -10.77 5.08
CA GLY A 95 16.86 -9.43 4.60
C GLY A 95 15.96 -8.35 5.15
N ALA A 96 14.93 -8.71 5.91
CA ALA A 96 13.93 -7.77 6.40
C ALA A 96 13.68 -7.99 7.89
N GLU A 97 13.03 -7.01 8.52
CA GLU A 97 12.63 -7.08 9.93
C GLU A 97 11.19 -7.54 10.05
N VAL A 98 10.93 -8.49 10.94
CA VAL A 98 9.59 -8.96 11.27
C VAL A 98 9.22 -8.43 12.65
N VAL A 99 8.07 -7.76 12.73
CA VAL A 99 7.58 -7.19 13.99
C VAL A 99 6.14 -7.65 14.20
N GLY A 100 5.73 -7.68 15.45
CA GLY A 100 4.42 -8.19 15.81
C GLY A 100 3.32 -7.16 15.98
N SER A 101 3.55 -5.91 15.56
CA SER A 101 2.51 -4.92 15.72
C SER A 101 2.84 -3.71 14.86
N LEU A 102 1.81 -2.94 14.56
CA LEU A 102 1.96 -1.68 13.86
C LEU A 102 2.72 -0.68 14.69
N GLU A 103 2.58 -0.75 16.01
CA GLU A 103 3.28 0.19 16.88
C GLU A 103 4.79 0.02 16.76
N GLU A 104 5.27 -1.24 16.71
CA GLU A 104 6.69 -1.50 16.48
C GLU A 104 7.14 -1.08 15.09
N ALA A 105 6.25 -1.18 14.09
CA ALA A 105 6.68 -0.97 12.71
C ALA A 105 6.83 0.51 12.36
N LEU A 106 6.08 1.38 13.02
CA LEU A 106 6.01 2.79 12.63
C LEU A 106 6.95 3.61 13.49
N THR A 107 8.26 3.37 13.29
CA THR A 107 9.27 4.13 14.01
C THR A 107 10.04 5.10 13.11
N SER A 108 9.89 5.01 11.80
CA SER A 108 10.57 5.91 10.89
C SER A 108 9.80 7.22 10.75
N PRO A 109 10.48 8.28 10.29
CA PRO A 109 9.73 9.54 10.06
C PRO A 109 8.66 9.41 9.00
N GLU A 110 8.92 8.65 7.93
CA GLU A 110 7.96 8.48 6.85
C GLU A 110 7.84 6.99 6.56
N THR A 111 6.63 6.47 6.66
CA THR A 111 6.42 5.04 6.45
C THR A 111 5.31 4.87 5.42
N TRP A 112 5.54 3.99 4.44
CA TRP A 112 4.50 3.65 3.50
C TRP A 112 4.03 2.21 3.76
N VAL A 113 2.75 2.07 4.05
CA VAL A 113 2.11 0.76 4.21
C VAL A 113 1.72 0.28 2.82
N ILE A 114 2.29 -0.86 2.40
CA ILE A 114 2.17 -1.30 1.01
C ILE A 114 1.30 -2.55 0.86
N GLY A 115 0.53 -2.91 1.89
CA GLY A 115 -0.41 -3.99 1.80
C GLY A 115 -0.24 -4.99 2.93
N GLY A 116 -1.19 -5.92 3.00
CA GLY A 116 -2.28 -6.05 2.05
C GLY A 116 -3.60 -5.65 2.69
N GLY A 117 -4.66 -6.40 2.41
CA GLY A 117 -5.99 -6.01 2.89
C GLY A 117 -6.06 -5.83 4.40
N GLN A 118 -5.58 -6.83 5.14
CA GLN A 118 -5.60 -6.76 6.59
C GLN A 118 -4.79 -5.58 7.12
N VAL A 119 -3.61 -5.35 6.56
CA VAL A 119 -2.75 -4.32 7.15
C VAL A 119 -3.24 -2.91 6.80
N TYR A 120 -3.80 -2.70 5.59
CA TYR A 120 -4.44 -1.41 5.32
C TYR A 120 -5.50 -1.09 6.38
N ALA A 121 -6.36 -2.05 6.67
CA ALA A 121 -7.42 -1.80 7.64
C ALA A 121 -6.83 -1.52 9.02
N LEU A 122 -5.75 -2.21 9.36
CA LEU A 122 -5.08 -2.01 10.64
C LEU A 122 -4.45 -0.63 10.71
N ALA A 123 -3.81 -0.19 9.61
CA ALA A 123 -3.02 1.04 9.60
C ALA A 123 -3.86 2.30 9.37
N LEU A 124 -5.04 2.18 8.78
CA LEU A 124 -5.82 3.36 8.43
C LEU A 124 -6.01 4.37 9.56
N PRO A 125 -6.31 3.98 10.82
CA PRO A 125 -6.53 5.00 11.86
C PRO A 125 -5.30 5.87 12.13
N TYR A 126 -4.10 5.45 11.74
CA TYR A 126 -2.90 6.24 11.94
C TYR A 126 -2.48 7.01 10.69
N ALA A 127 -3.11 6.74 9.55
CA ALA A 127 -2.65 7.28 8.27
C ALA A 127 -3.15 8.70 8.04
N THR A 128 -2.32 9.49 7.39
CA THR A 128 -2.70 10.83 6.95
C THR A 128 -2.64 11.01 5.44
N ARG A 129 -2.13 10.02 4.70
CA ARG A 129 -2.11 10.06 3.25
C ARG A 129 -2.48 8.70 2.70
N CYS A 130 -3.17 8.70 1.54
CA CYS A 130 -3.38 7.49 0.75
C CYS A 130 -3.10 7.81 -0.71
N GLU A 131 -2.36 6.94 -1.37
CA GLU A 131 -2.05 7.07 -2.80
C GLU A 131 -2.62 5.84 -3.49
N VAL A 132 -3.61 6.03 -4.35
CA VAL A 132 -4.40 4.93 -4.89
C VAL A 132 -4.28 4.91 -6.40
N THR A 133 -4.06 3.72 -6.96
CA THR A 133 -4.26 3.49 -8.38
C THR A 133 -5.54 2.71 -8.56
N GLU A 134 -6.39 3.18 -9.46
CA GLU A 134 -7.62 2.46 -9.78
C GLU A 134 -7.51 1.94 -11.21
N VAL A 135 -7.67 0.63 -11.36
CA VAL A 135 -7.56 -0.04 -12.65
C VAL A 135 -8.96 -0.34 -13.16
N ASP A 136 -9.23 0.05 -14.40
CA ASP A 136 -10.58 -0.06 -14.95
C ASP A 136 -10.76 -1.44 -15.57
N ILE A 137 -10.63 -2.43 -14.70
CA ILE A 137 -10.80 -3.81 -15.08
C ILE A 137 -12.04 -4.31 -14.33
N GLY A 138 -12.88 -5.06 -15.05
CA GLY A 138 -14.11 -5.58 -14.47
C GLY A 138 -13.84 -6.85 -13.69
N LEU A 139 -13.37 -6.70 -12.46
CA LEU A 139 -13.16 -7.83 -11.57
C LEU A 139 -14.17 -7.73 -10.44
N PRO A 140 -15.17 -8.59 -10.38
CA PRO A 140 -16.11 -8.56 -9.25
C PRO A 140 -15.50 -9.14 -7.97
N ARG A 141 -16.05 -8.69 -6.83
CA ARG A 141 -15.59 -9.16 -5.54
CA ARG A 141 -15.57 -9.17 -5.55
C ARG A 141 -16.02 -10.60 -5.32
N GLU A 142 -15.07 -11.45 -4.93
CA GLU A 142 -15.39 -12.83 -4.56
C GLU A 142 -14.97 -13.06 -3.12
N ALA A 143 -15.61 -14.05 -2.50
CA ALA A 143 -15.26 -14.44 -1.14
C ALA A 143 -13.78 -14.80 -1.07
N GLY A 144 -13.08 -14.27 -0.07
CA GLY A 144 -11.66 -14.50 0.09
C GLY A 144 -10.76 -13.42 -0.51
N ASP A 145 -11.30 -12.55 -1.36
CA ASP A 145 -10.50 -11.48 -1.95
C ASP A 145 -9.98 -10.53 -0.87
N ALA A 146 -8.80 -9.98 -1.12
CA ALA A 146 -8.33 -8.84 -0.36
C ALA A 146 -8.90 -7.57 -0.98
N LEU A 147 -9.40 -6.67 -0.14
CA LEU A 147 -10.12 -5.47 -0.55
C LEU A 147 -9.45 -4.23 -0.02
N ALA A 148 -9.54 -3.15 -0.80
CA ALA A 148 -9.05 -1.86 -0.40
C ALA A 148 -9.87 -1.30 0.76
N PRO A 149 -9.27 -0.49 1.62
CA PRO A 149 -10.05 0.23 2.62
C PRO A 149 -10.96 1.26 1.96
N VAL A 150 -12.07 1.55 2.64
CA VAL A 150 -13.00 2.60 2.25
C VAL A 150 -12.73 3.82 3.11
N LEU A 151 -12.63 4.99 2.47
CA LEU A 151 -12.22 6.22 3.15
C LEU A 151 -13.45 7.05 3.52
N ASP A 152 -13.53 7.46 4.78
CA ASP A 152 -14.66 8.23 5.30
C ASP A 152 -14.48 9.71 4.96
N GLU A 153 -15.39 10.54 5.47
CA GLU A 153 -15.42 11.96 5.14
C GLU A 153 -14.26 12.75 5.73
N THR A 154 -13.47 12.17 6.63
CA THR A 154 -12.32 12.92 7.12
C THR A 154 -11.21 13.00 6.08
N TRP A 155 -11.30 12.22 5.02
CA TRP A 155 -10.30 12.24 3.96
C TRP A 155 -10.76 13.19 2.85
N ARG A 156 -9.84 14.03 2.38
CA ARG A 156 -10.09 14.88 1.23
C ARG A 156 -9.26 14.35 0.06
N GLY A 157 -9.88 14.23 -1.11
CA GLY A 157 -9.28 13.50 -2.21
C GLY A 157 -9.08 14.35 -3.44
N GLU A 158 -8.07 13.98 -4.22
CA GLU A 158 -7.86 14.50 -5.56
C GLU A 158 -7.95 13.32 -6.52
N THR A 159 -8.88 13.39 -7.46
CA THR A 159 -9.07 12.31 -8.41
C THR A 159 -8.49 12.73 -9.76
N GLY A 160 -7.55 11.94 -10.28
CA GLY A 160 -7.04 12.19 -11.60
C GLY A 160 -8.01 11.74 -12.69
N GLU A 161 -7.81 12.30 -13.88
CA GLU A 161 -8.58 11.85 -15.01
C GLU A 161 -8.13 10.44 -15.41
N TRP A 162 -9.03 9.74 -16.10
CA TRP A 162 -8.70 8.43 -16.64
C TRP A 162 -7.53 8.54 -17.60
N ARG A 163 -6.54 7.66 -17.45
CA ARG A 163 -5.44 7.55 -18.40
C ARG A 163 -5.44 6.17 -19.02
N PHE A 164 -4.55 5.97 -19.97
CA PHE A 164 -4.51 4.73 -20.72
C PHE A 164 -3.13 4.10 -20.59
N SER A 165 -3.09 2.86 -20.13
CA SER A 165 -1.85 2.15 -19.89
C SER A 165 -1.34 1.48 -21.15
N ARG A 166 -0.02 1.36 -21.26
CA ARG A 166 0.57 0.59 -22.36
C ARG A 166 0.01 -0.83 -22.38
N SER A 167 -0.34 -1.38 -21.23
CA SER A 167 -0.91 -2.72 -21.19
C SER A 167 -2.40 -2.76 -21.57
N GLY A 168 -2.98 -1.65 -22.05
CA GLY A 168 -4.30 -1.68 -22.63
C GLY A 168 -5.46 -1.50 -21.67
N LEU A 169 -5.21 -1.09 -20.44
CA LEU A 169 -6.24 -0.86 -19.44
C LEU A 169 -6.28 0.62 -19.10
N ARG A 170 -7.49 1.13 -18.86
CA ARG A 170 -7.62 2.47 -18.29
C ARG A 170 -7.28 2.41 -16.80
N TYR A 171 -6.71 3.51 -16.32
CA TYR A 171 -6.42 3.62 -14.90
C TYR A 171 -6.42 5.11 -14.52
N ARG A 172 -6.51 5.37 -13.23
CA ARG A 172 -6.40 6.73 -12.75
C ARG A 172 -5.84 6.70 -11.34
N LEU A 173 -5.27 7.81 -10.94
CA LEU A 173 -4.63 7.93 -9.64
C LEU A 173 -5.48 8.82 -8.73
N TYR A 174 -5.54 8.47 -7.46
CA TYR A 174 -6.12 9.31 -6.43
C TYR A 174 -5.05 9.66 -5.40
N SER A 175 -5.16 10.85 -4.82
CA SER A 175 -4.34 11.26 -3.69
CA SER A 175 -4.34 11.26 -3.69
C SER A 175 -5.27 11.76 -2.60
N TYR A 176 -5.20 11.15 -1.42
CA TYR A 176 -6.04 11.55 -0.30
C TYR A 176 -5.16 12.01 0.86
N HIS A 177 -5.67 12.98 1.63
CA HIS A 177 -4.96 13.52 2.78
C HIS A 177 -5.95 13.75 3.91
N ARG A 178 -5.42 13.78 5.14
CA ARG A 178 -6.19 14.22 6.28
C ARG A 178 -5.21 14.65 7.36
N SER A 179 -5.74 15.36 8.35
CA SER A 179 -4.91 15.97 9.38
C SER A 179 -4.47 14.96 10.43
#